data_8BM6
#
_entry.id   8BM6
#
_entity_poly.entity_id   1
_entity_poly.type   'polydeoxyribonucleotide'
_entity_poly.pdbx_seq_one_letter_code
;(DC)(DG)(DA)(DG)(DC)(DG)(DA)(DG)(DC)(DG)(DA)(DG)(DC)(DG)(DA)(DA)(DA)(DG)(DC)(DA)
(DC)(DG)(DA)(DA)(DC)(DG)(DA)(DG)(DC)(DG)(DA)(DG)(DC)(DG)(DA)(DG)
;
_entity_poly.pdbx_strand_id   A
#
loop_
_chem_comp.id
_chem_comp.type
_chem_comp.name
_chem_comp.formula
DA DNA linking 2'-DEOXYADENOSINE-5'-MONOPHOSPHATE 'C10 H14 N5 O6 P'
DC DNA linking 2'-DEOXYCYTIDINE-5'-MONOPHOSPHATE 'C9 H14 N3 O7 P'
DG DNA linking 2'-DEOXYGUANOSINE-5'-MONOPHOSPHATE 'C10 H14 N5 O7 P'
#